data_7NA2
#
_entry.id   7NA2
#
_cell.length_a   37.925
_cell.length_b   68.341
_cell.length_c   42.105
_cell.angle_alpha   90.000
_cell.angle_beta   113.120
_cell.angle_gamma   90.000
#
_symmetry.space_group_name_H-M   'P 1 21 1'
#
loop_
_entity.id
_entity.type
_entity.pdbx_description
1 polymer 'Isoform 11 of E3 ubiquitin-protein ligase Mdm2'
2 non-polymer 3-[4-(5-chloropyridin-3-yl)-2-[(4aR,7aR)-hexahydrocyclopenta[b][1,4]oxazin-4(4aH)-yl]-3-{[(1r,4R)-4-methylcyclohexyl]methyl}-3H-imidazo[4,5-c]pyridin-6-yl]-1,2,4-oxadiazol-5(4H)-one
3 water water
#
_entity_poly.entity_id   1
_entity_poly.type   'polypeptide(L)'
_entity_poly.pdbx_seq_one_letter_code
;GSQIPASEQETLVRPKPLLLKLLKSVGAQKDTYTMKEVLFYLGQYIMTKRLYDEKQQHIVYCSNDLLGDLFGVPSFSVKE
HRKIYTMIYRNLVVVNQQESSDSGTSVSEN
;
_entity_poly.pdbx_strand_id   A,B
#
loop_
_chem_comp.id
_chem_comp.type
_chem_comp.name
_chem_comp.formula
1I0 non-polymer 3-[4-(5-chloropyridin-3-yl)-2-[(4aR,7aR)-hexahydrocyclopenta[b][1,4]oxazin-4(4aH)-yl]-3-{[(1r,4R)-4-methylcyclohexyl]methyl}-3H-imidazo[4,5-c]pyridin-6-yl]-1,2,4-oxadiazol-5(4H)-one 'C28 H32 Cl N7 O3'
#
# COMPACT_ATOMS: atom_id res chain seq x y z
N GLY A 1 14.19 -6.96 5.22
CA GLY A 1 14.61 -7.63 4.00
C GLY A 1 13.53 -7.43 2.96
N SER A 2 13.02 -8.56 2.43
CA SER A 2 11.88 -8.53 1.47
C SER A 2 11.16 -9.84 1.28
N GLN A 3 10.01 -9.78 0.59
CA GLN A 3 9.18 -10.97 0.31
C GLN A 3 8.94 -11.91 1.55
N ILE A 4 8.63 -11.34 2.74
CA ILE A 4 8.12 -12.06 3.97
C ILE A 4 7.28 -13.33 3.58
N PRO A 5 7.44 -14.48 4.29
CA PRO A 5 6.69 -15.64 3.71
C PRO A 5 5.17 -15.50 3.70
N ALA A 6 4.55 -15.97 2.64
CA ALA A 6 3.08 -16.10 2.63
C ALA A 6 2.46 -16.53 4.00
N SER A 7 2.78 -17.70 4.55
CA SER A 7 2.03 -18.07 5.77
C SER A 7 2.16 -17.03 6.93
N GLU A 8 3.28 -16.28 6.99
CA GLU A 8 3.46 -15.13 7.88
C GLU A 8 2.54 -14.01 7.55
N GLN A 9 2.49 -13.64 6.29
CA GLN A 9 1.58 -12.57 5.90
C GLN A 9 0.11 -12.97 6.23
N GLU A 10 -0.23 -14.24 6.31
CA GLU A 10 -1.66 -14.67 6.59
C GLU A 10 -1.93 -14.96 8.07
N THR A 11 -0.95 -14.70 8.95
CA THR A 11 -1.08 -15.06 10.38
C THR A 11 -2.22 -14.14 10.92
N LEU A 12 -3.17 -14.79 11.62
CA LEU A 12 -4.23 -14.17 12.34
C LEU A 12 -3.74 -13.57 13.63
N VAL A 13 -4.01 -12.26 13.79
CA VAL A 13 -3.46 -11.48 14.93
C VAL A 13 -4.60 -10.64 15.62
N ARG A 14 -4.41 -10.34 16.92
CA ARG A 14 -5.26 -9.46 17.68
C ARG A 14 -4.41 -8.29 18.02
N PRO A 15 -4.60 -7.17 17.31
CA PRO A 15 -3.92 -5.94 17.80
C PRO A 15 -4.18 -5.50 19.26
N LYS A 16 -3.14 -5.05 19.92
CA LYS A 16 -3.22 -4.50 21.28
C LYS A 16 -3.84 -3.09 21.13
N PRO A 17 -4.27 -2.51 22.24
CA PRO A 17 -5.15 -1.32 22.16
C PRO A 17 -4.62 -0.17 21.33
N LEU A 18 -3.31 0.14 21.36
CA LEU A 18 -2.78 1.27 20.58
C LEU A 18 -2.79 1.07 19.11
N LEU A 19 -2.32 -0.10 18.64
CA LEU A 19 -2.41 -0.43 17.22
C LEU A 19 -3.90 -0.53 16.76
N LEU A 20 -4.77 -1.01 17.63
CA LEU A 20 -6.23 -1.10 17.34
C LEU A 20 -6.81 0.27 17.05
N LYS A 21 -6.51 1.21 17.92
CA LYS A 21 -6.84 2.60 17.71
C LYS A 21 -6.41 3.13 16.35
N LEU A 22 -5.18 2.89 15.96
CA LEU A 22 -4.67 3.40 14.72
C LEU A 22 -5.49 2.85 13.51
N LEU A 23 -5.61 1.53 13.52
CA LEU A 23 -6.39 0.74 12.53
C LEU A 23 -7.80 1.30 12.40
N LYS A 24 -8.45 1.50 13.55
CA LYS A 24 -9.77 2.08 13.61
C LYS A 24 -9.78 3.52 13.13
N SER A 25 -8.68 4.24 13.16
CA SER A 25 -8.69 5.60 12.67
C SER A 25 -8.78 5.65 11.12
N VAL A 26 -8.39 4.59 10.42
CA VAL A 26 -8.49 4.51 8.95
C VAL A 26 -9.67 3.58 8.48
N GLY A 27 -10.61 3.23 9.38
CA GLY A 27 -11.89 2.56 9.02
C GLY A 27 -11.98 1.05 9.27
N ALA A 28 -10.94 0.45 9.83
CA ALA A 28 -11.00 -0.95 10.18
C ALA A 28 -11.93 -1.18 11.39
N GLN A 29 -12.88 -2.10 11.22
CA GLN A 29 -13.99 -2.35 12.13
C GLN A 29 -13.93 -3.78 12.76
N LYS A 30 -12.73 -4.28 13.04
CA LYS A 30 -12.59 -5.67 13.54
C LYS A 30 -11.67 -5.68 14.75
N ASP A 31 -11.67 -6.80 15.45
CA ASP A 31 -10.83 -7.13 16.61
C ASP A 31 -9.69 -8.07 16.13
N THR A 32 -9.95 -8.84 15.08
CA THR A 32 -8.90 -9.73 14.54
C THR A 32 -8.70 -9.47 13.07
N TYR A 33 -7.46 -9.69 12.61
CA TYR A 33 -6.95 -9.31 11.26
C TYR A 33 -5.88 -10.30 10.84
N THR A 34 -5.58 -10.40 9.55
CA THR A 34 -4.29 -11.01 9.14
C THR A 34 -3.20 -10.00 9.16
N MET A 35 -1.94 -10.42 9.11
CA MET A 35 -0.84 -9.45 9.12
C MET A 35 -0.90 -8.58 7.87
N LYS A 36 -1.28 -9.19 6.74
CA LYS A 36 -1.39 -8.45 5.50
C LYS A 36 -2.45 -7.32 5.62
N GLU A 37 -3.56 -7.57 6.33
CA GLU A 37 -4.52 -6.49 6.55
C GLU A 37 -3.89 -5.42 7.44
N VAL A 38 -3.23 -5.79 8.56
CA VAL A 38 -2.60 -4.78 9.42
C VAL A 38 -1.70 -3.84 8.59
N LEU A 39 -0.78 -4.44 7.80
CA LEU A 39 0.11 -3.72 6.91
C LEU A 39 -0.67 -2.86 5.91
N PHE A 40 -1.80 -3.35 5.37
CA PHE A 40 -2.58 -2.59 4.48
C PHE A 40 -3.04 -1.30 5.22
N TYR A 41 -3.58 -1.45 6.44
CA TYR A 41 -4.10 -0.30 7.13
C TYR A 41 -3.04 0.70 7.53
N LEU A 42 -1.90 0.23 8.05
CA LEU A 42 -0.75 1.11 8.37
C LEU A 42 -0.27 1.93 7.16
N GLY A 43 -0.22 1.28 5.99
CA GLY A 43 -0.06 1.88 4.72
C GLY A 43 -1.02 3.01 4.52
N GLN A 44 -2.27 2.73 4.74
CA GLN A 44 -3.23 3.73 4.53
C GLN A 44 -3.10 4.91 5.48
N TYR A 45 -2.74 4.58 6.73
CA TYR A 45 -2.51 5.56 7.78
C TYR A 45 -1.41 6.53 7.42
N ILE A 46 -0.29 5.98 6.92
CA ILE A 46 0.83 6.78 6.48
C ILE A 46 0.54 7.70 5.28
N MET A 47 -0.23 7.19 4.30
CA MET A 47 -0.62 7.92 3.16
C MET A 47 -1.53 9.09 3.52
N THR A 48 -2.56 8.73 4.21
CA THR A 48 -3.55 9.70 4.62
C THR A 48 -2.85 10.84 5.49
N LYS A 49 -2.04 10.48 6.46
CA LYS A 49 -1.40 11.56 7.32
C LYS A 49 -0.15 12.17 6.70
N ARG A 50 0.32 11.63 5.55
CA ARG A 50 1.42 12.16 4.82
C ARG A 50 2.67 12.06 5.74
N LEU A 51 2.96 10.87 6.31
CA LEU A 51 4.01 10.75 7.31
C LEU A 51 5.30 10.45 6.51
N TYR A 52 5.14 10.14 5.24
CA TYR A 52 6.36 9.97 4.37
C TYR A 52 7.12 11.29 4.12
N ASP A 53 8.43 11.23 3.90
CA ASP A 53 9.21 12.45 3.64
C ASP A 53 8.87 12.95 2.21
N GLU A 54 8.55 14.24 2.09
CA GLU A 54 8.34 14.85 0.77
C GLU A 54 9.39 14.58 -0.29
N LYS A 55 10.68 14.57 0.06
CA LYS A 55 11.73 14.43 -0.92
C LYS A 55 12.26 13.00 -1.10
N GLN A 56 12.31 12.20 -0.01
CA GLN A 56 12.82 10.82 0.00
C GLN A 56 11.67 9.93 0.48
N GLN A 57 10.75 9.53 -0.42
CA GLN A 57 9.42 9.15 0.07
C GLN A 57 9.38 7.76 0.68
N HIS A 58 10.45 6.98 0.55
CA HIS A 58 10.57 5.68 1.20
C HIS A 58 10.85 5.81 2.69
N ILE A 59 11.24 6.99 3.10
CA ILE A 59 11.42 7.25 4.53
C ILE A 59 10.11 7.79 5.13
N VAL A 60 9.75 7.11 6.17
CA VAL A 60 8.61 7.54 7.07
C VAL A 60 9.05 8.13 8.40
N TYR A 61 8.58 9.34 8.68
CA TYR A 61 8.88 10.01 9.90
C TYR A 61 7.72 9.75 10.81
N CYS A 62 7.94 9.09 11.96
CA CYS A 62 6.86 8.87 12.86
C CYS A 62 7.01 9.47 14.23
N SER A 63 7.99 10.35 14.49
CA SER A 63 7.98 11.17 15.71
C SER A 63 6.75 12.03 15.79
N ASN A 64 6.29 12.32 17.00
CA ASN A 64 5.07 13.14 17.23
C ASN A 64 3.78 12.62 16.60
N ASP A 65 3.80 11.33 16.30
CA ASP A 65 2.64 10.62 15.91
C ASP A 65 2.54 9.28 16.69
N LEU A 66 1.31 8.89 17.01
CA LEU A 66 0.94 7.56 17.46
C LEU A 66 1.79 6.42 16.84
N LEU A 67 2.08 6.51 15.54
CA LEU A 67 2.89 5.49 14.90
C LEU A 67 4.29 5.38 15.58
N GLY A 68 4.85 6.55 15.91
CA GLY A 68 6.07 6.70 16.66
C GLY A 68 6.05 6.02 17.99
N ASP A 69 4.98 6.17 18.75
CA ASP A 69 4.81 5.43 20.00
C ASP A 69 4.64 3.90 19.83
N LEU A 70 3.92 3.47 18.78
CA LEU A 70 3.79 2.04 18.48
C LEU A 70 5.14 1.41 18.14
N PHE A 71 5.93 2.09 17.30
CA PHE A 71 7.22 1.53 16.75
C PHE A 71 8.45 1.87 17.56
N GLY A 72 8.40 2.95 18.33
CA GLY A 72 9.46 3.37 19.19
C GLY A 72 10.72 3.73 18.45
N VAL A 73 10.54 4.29 17.25
CA VAL A 73 11.57 4.81 16.45
C VAL A 73 11.11 6.19 15.92
N PRO A 74 12.02 7.06 15.60
CA PRO A 74 11.69 8.40 15.02
C PRO A 74 11.40 8.33 13.47
N SER A 75 11.93 7.30 12.83
CA SER A 75 11.73 7.01 11.42
C SER A 75 12.09 5.54 11.04
N PHE A 76 11.80 5.18 9.79
CA PHE A 76 12.20 3.86 9.21
C PHE A 76 11.91 3.91 7.71
N SER A 77 12.51 3.03 6.96
CA SER A 77 12.31 2.98 5.57
C SER A 77 11.22 1.95 5.31
N VAL A 78 10.39 2.22 4.31
CA VAL A 78 9.38 1.21 3.81
C VAL A 78 10.03 -0.03 3.16
N LYS A 79 11.34 0.01 2.90
CA LYS A 79 12.03 -1.09 2.23
C LYS A 79 12.49 -2.16 3.24
N GLU A 80 12.34 -1.90 4.55
CA GLU A 80 12.96 -2.67 5.62
C GLU A 80 11.85 -3.57 6.15
N HIS A 81 11.52 -4.58 5.36
CA HIS A 81 10.30 -5.29 5.60
C HIS A 81 10.31 -6.11 6.88
N ARG A 82 11.36 -6.83 7.14
CA ARG A 82 11.48 -7.58 8.38
C ARG A 82 11.45 -6.70 9.65
N LYS A 83 12.11 -5.53 9.58
CA LYS A 83 12.13 -4.58 10.69
C LYS A 83 10.66 -4.16 10.98
N ILE A 84 9.91 -3.88 9.92
CA ILE A 84 8.53 -3.47 10.04
C ILE A 84 7.71 -4.57 10.70
N TYR A 85 7.76 -5.78 10.16
CA TYR A 85 7.20 -6.97 10.85
C TYR A 85 7.52 -7.05 12.33
N THR A 86 8.79 -6.86 12.65
CA THR A 86 9.29 -6.99 13.96
C THR A 86 8.67 -5.93 14.86
N MET A 87 8.69 -4.69 14.40
CA MET A 87 8.01 -3.59 15.16
C MET A 87 6.52 -3.79 15.34
N ILE A 88 5.87 -4.32 14.34
CA ILE A 88 4.39 -4.60 14.49
C ILE A 88 4.02 -5.78 15.44
N TYR A 89 4.83 -6.82 15.42
CA TYR A 89 4.61 -8.01 16.29
C TYR A 89 4.58 -7.64 17.79
N ARG A 90 5.32 -6.61 18.18
CA ARG A 90 5.36 -6.12 19.53
C ARG A 90 4.02 -5.55 19.94
N ASN A 91 3.13 -5.32 18.95
CA ASN A 91 1.92 -4.54 19.16
C ASN A 91 0.69 -5.37 18.98
N LEU A 92 0.82 -6.67 19.17
CA LEU A 92 -0.29 -7.54 18.88
C LEU A 92 -0.06 -8.89 19.53
N VAL A 93 -1.09 -9.69 19.51
CA VAL A 93 -1.00 -11.08 20.07
C VAL A 93 -1.40 -11.98 18.91
N VAL A 94 -0.53 -12.92 18.55
CA VAL A 94 -0.84 -13.90 17.55
C VAL A 94 -2.03 -14.78 18.05
N VAL A 95 -3.02 -14.99 17.18
CA VAL A 95 -4.21 -15.80 17.46
C VAL A 95 -3.84 -17.31 17.36
N ASN A 96 -4.23 -18.10 18.35
CA ASN A 96 -4.08 -19.58 18.26
C ASN A 96 -5.37 -20.38 18.11
N GLY B 1 12.35 -0.06 -10.86
CA GLY B 1 13.33 0.68 -9.97
C GLY B 1 13.02 0.47 -8.50
N SER B 2 13.22 1.50 -7.64
CA SER B 2 12.59 1.53 -6.28
C SER B 2 12.08 2.89 -5.78
N GLN B 3 13.03 3.78 -5.53
CA GLN B 3 12.75 5.18 -5.27
C GLN B 3 12.41 5.90 -6.58
N ILE B 4 11.12 5.90 -6.94
CA ILE B 4 10.65 6.72 -8.04
C ILE B 4 10.81 8.19 -7.52
N PRO B 5 11.43 9.12 -8.27
CA PRO B 5 11.66 10.53 -7.74
C PRO B 5 10.34 11.18 -7.29
N ALA B 6 10.46 12.10 -6.33
CA ALA B 6 9.31 12.69 -5.61
C ALA B 6 8.49 13.49 -6.61
N SER B 7 9.16 14.21 -7.49
CA SER B 7 8.51 14.99 -8.54
C SER B 7 7.58 14.14 -9.41
N GLU B 8 7.92 12.89 -9.78
CA GLU B 8 6.90 11.98 -10.38
C GLU B 8 5.80 11.57 -9.56
N GLN B 9 6.11 11.24 -8.29
CA GLN B 9 5.13 10.85 -7.36
C GLN B 9 4.13 11.98 -7.13
N GLU B 10 4.56 13.24 -7.23
CA GLU B 10 3.66 14.34 -6.87
C GLU B 10 2.98 14.92 -8.14
N THR B 11 3.16 14.23 -9.27
CA THR B 11 2.73 14.71 -10.60
C THR B 11 1.19 14.55 -10.64
N LEU B 12 0.59 15.67 -11.03
CA LEU B 12 -0.83 15.72 -11.18
C LEU B 12 -1.29 15.14 -12.53
N VAL B 13 -2.30 14.27 -12.43
CA VAL B 13 -2.77 13.39 -13.49
C VAL B 13 -4.29 13.31 -13.55
N ARG B 14 -4.75 13.12 -14.77
CA ARG B 14 -6.16 12.93 -15.06
C ARG B 14 -6.38 11.52 -15.59
N PRO B 15 -6.80 10.57 -14.73
CA PRO B 15 -7.00 9.26 -15.33
C PRO B 15 -8.02 9.18 -16.47
N LYS B 16 -7.69 8.33 -17.45
CA LYS B 16 -8.61 8.01 -18.55
C LYS B 16 -9.73 7.10 -17.97
N PRO B 17 -10.86 7.01 -18.70
CA PRO B 17 -12.05 6.31 -18.25
C PRO B 17 -11.87 4.98 -17.56
N LEU B 18 -10.99 4.09 -18.02
CA LEU B 18 -10.87 2.72 -17.45
C LEU B 18 -10.14 2.75 -16.12
N LEU B 19 -9.04 3.48 -16.08
CA LEU B 19 -8.40 3.82 -14.83
C LEU B 19 -9.31 4.53 -13.78
N LEU B 20 -9.97 5.55 -14.20
CA LEU B 20 -10.91 6.29 -13.33
C LEU B 20 -11.94 5.34 -12.74
N LYS B 21 -12.47 4.42 -13.56
CA LYS B 21 -13.39 3.43 -13.05
C LYS B 21 -12.89 2.55 -11.88
N LEU B 22 -11.69 2.01 -11.99
CA LEU B 22 -10.98 1.30 -10.98
C LEU B 22 -10.82 2.10 -9.72
N LEU B 23 -10.31 3.33 -9.84
CA LEU B 23 -10.22 4.25 -8.71
C LEU B 23 -11.53 4.54 -8.05
N LYS B 24 -12.58 4.78 -8.85
CA LYS B 24 -13.89 5.09 -8.24
C LYS B 24 -14.43 3.78 -7.54
N SER B 25 -14.02 2.60 -8.00
CA SER B 25 -14.46 1.31 -7.41
C SER B 25 -13.91 1.03 -6.04
N VAL B 26 -12.77 1.61 -5.67
CA VAL B 26 -12.27 1.55 -4.27
C VAL B 26 -12.51 2.90 -3.45
N GLY B 27 -13.38 3.77 -3.88
CA GLY B 27 -13.83 4.86 -3.00
C GLY B 27 -13.43 6.27 -3.35
N ALA B 28 -12.60 6.43 -4.35
CA ALA B 28 -12.19 7.75 -4.89
C ALA B 28 -13.31 8.50 -5.55
N GLN B 29 -13.30 9.79 -5.34
CA GLN B 29 -14.40 10.68 -5.82
C GLN B 29 -13.81 11.96 -6.35
N LYS B 30 -12.85 11.80 -7.28
CA LYS B 30 -12.19 12.92 -7.93
C LYS B 30 -11.82 12.46 -9.35
N ASP B 31 -11.59 13.49 -10.15
CA ASP B 31 -11.11 13.40 -11.53
C ASP B 31 -9.61 13.61 -11.58
N THR B 32 -9.04 14.37 -10.65
CA THR B 32 -7.58 14.62 -10.65
C THR B 32 -6.96 14.11 -9.41
N TYR B 33 -5.76 13.51 -9.57
CA TYR B 33 -5.01 12.83 -8.54
C TYR B 33 -3.54 13.14 -8.72
N THR B 34 -2.77 12.94 -7.64
CA THR B 34 -1.28 12.78 -7.79
C THR B 34 -0.95 11.34 -8.21
N MET B 35 0.26 11.08 -8.76
CA MET B 35 0.63 9.72 -9.09
C MET B 35 0.58 8.90 -7.80
N LYS B 36 1.01 9.52 -6.68
CA LYS B 36 1.02 8.78 -5.40
C LYS B 36 -0.36 8.20 -4.97
N GLU B 37 -1.38 9.01 -5.12
CA GLU B 37 -2.68 8.65 -4.81
C GLU B 37 -3.17 7.58 -5.81
N VAL B 38 -2.87 7.73 -7.10
CA VAL B 38 -3.25 6.61 -8.05
C VAL B 38 -2.68 5.24 -7.57
N LEU B 39 -1.39 5.25 -7.25
CA LEU B 39 -0.67 4.12 -6.75
C LEU B 39 -1.28 3.58 -5.41
N PHE B 40 -1.65 4.48 -4.50
CA PHE B 40 -2.40 4.12 -3.27
C PHE B 40 -3.70 3.31 -3.51
N TYR B 41 -4.54 3.80 -4.41
CA TYR B 41 -5.81 3.17 -4.73
C TYR B 41 -5.63 1.90 -5.48
N LEU B 42 -4.65 1.82 -6.41
CA LEU B 42 -4.41 0.54 -7.13
C LEU B 42 -4.08 -0.47 -6.08
N GLY B 43 -3.17 -0.09 -5.16
CA GLY B 43 -2.86 -0.92 -3.98
C GLY B 43 -4.03 -1.48 -3.29
N GLN B 44 -4.93 -0.55 -2.99
CA GLN B 44 -6.14 -0.90 -2.30
C GLN B 44 -7.08 -1.88 -3.13
N TYR B 45 -7.15 -1.63 -4.42
CA TYR B 45 -7.91 -2.52 -5.34
C TYR B 45 -7.34 -3.91 -5.30
N ILE B 46 -6.03 -4.02 -5.39
CA ILE B 46 -5.37 -5.31 -5.44
C ILE B 46 -5.48 -6.05 -4.11
N MET B 47 -5.35 -5.30 -3.03
CA MET B 47 -5.67 -5.89 -1.67
C MET B 47 -7.14 -6.38 -1.49
N THR B 48 -8.10 -5.55 -1.80
CA THR B 48 -9.49 -5.88 -1.56
C THR B 48 -9.98 -7.05 -2.51
N LYS B 49 -9.46 -7.10 -3.71
CA LYS B 49 -9.83 -8.26 -4.65
C LYS B 49 -8.87 -9.48 -4.55
N ARG B 50 -7.83 -9.36 -3.69
CA ARG B 50 -6.89 -10.43 -3.38
C ARG B 50 -6.36 -10.86 -4.76
N LEU B 51 -5.90 -9.90 -5.57
CA LEU B 51 -5.27 -10.27 -6.86
C LEU B 51 -3.86 -10.75 -6.70
N TYR B 52 -3.28 -10.51 -5.54
CA TYR B 52 -1.88 -11.00 -5.34
C TYR B 52 -1.91 -12.56 -5.27
N ASP B 53 -0.84 -13.22 -5.65
CA ASP B 53 -0.77 -14.67 -5.54
C ASP B 53 -0.66 -15.10 -4.10
N GLU B 54 -1.37 -16.16 -3.75
CA GLU B 54 -1.43 -16.63 -2.30
C GLU B 54 -0.05 -17.08 -1.76
N LYS B 55 0.75 -17.73 -2.61
CA LYS B 55 2.04 -18.31 -2.23
C LYS B 55 3.28 -17.41 -2.49
N GLN B 56 3.23 -16.63 -3.57
N GLN B 56 3.24 -16.62 -3.56
CA GLN B 56 4.28 -15.69 -4.02
CA GLN B 56 4.32 -15.71 -3.97
C GLN B 56 3.66 -14.28 -4.07
C GLN B 56 3.69 -14.31 -4.06
N GLN B 57 3.53 -13.67 -2.91
CA GLN B 57 2.63 -12.55 -2.84
C GLN B 57 3.09 -11.25 -3.52
N HIS B 58 4.35 -11.10 -3.92
CA HIS B 58 4.78 -9.99 -4.75
C HIS B 58 4.26 -10.06 -6.15
N ILE B 59 3.80 -11.23 -6.59
CA ILE B 59 3.15 -11.41 -7.95
C ILE B 59 1.64 -11.13 -7.91
N VAL B 60 1.21 -10.20 -8.76
CA VAL B 60 -0.19 -9.84 -8.92
C VAL B 60 -0.62 -10.49 -10.28
N TYR B 61 -1.64 -11.34 -10.22
CA TYR B 61 -2.24 -11.91 -11.46
C TYR B 61 -3.40 -11.04 -11.74
N CYS B 62 -3.41 -10.41 -12.92
CA CYS B 62 -4.50 -9.56 -13.27
C CYS B 62 -5.21 -9.95 -14.59
N SER B 63 -4.98 -11.16 -15.11
CA SER B 63 -5.87 -11.79 -16.11
C SER B 63 -7.32 -11.88 -15.62
N ASN B 64 -8.28 -11.61 -16.50
CA ASN B 64 -9.73 -11.69 -16.23
C ASN B 64 -10.23 -10.70 -15.17
N ASP B 65 -9.52 -9.58 -15.05
CA ASP B 65 -9.84 -8.52 -14.16
C ASP B 65 -9.62 -7.21 -14.94
N LEU B 66 -10.30 -6.16 -14.52
CA LEU B 66 -10.11 -4.82 -15.16
C LEU B 66 -8.63 -4.37 -15.12
N LEU B 67 -7.91 -4.78 -14.10
CA LEU B 67 -6.52 -4.38 -13.94
C LEU B 67 -5.68 -4.91 -15.17
N GLY B 68 -6.06 -6.05 -15.75
CA GLY B 68 -5.40 -6.64 -16.93
C GLY B 68 -5.61 -5.85 -18.19
N ASP B 69 -6.83 -5.35 -18.39
CA ASP B 69 -7.15 -4.41 -19.48
C ASP B 69 -6.34 -3.15 -19.43
N LEU B 70 -6.22 -2.60 -18.22
CA LEU B 70 -5.47 -1.36 -17.98
C LEU B 70 -4.01 -1.53 -18.32
N PHE B 71 -3.45 -2.63 -17.84
CA PHE B 71 -2.02 -2.87 -17.85
C PHE B 71 -1.56 -3.66 -19.07
N GLY B 72 -2.43 -4.45 -19.63
CA GLY B 72 -2.11 -5.16 -20.85
C GLY B 72 -1.19 -6.32 -20.71
N VAL B 73 -1.18 -6.95 -19.50
CA VAL B 73 -0.25 -7.99 -19.04
C VAL B 73 -1.05 -8.97 -18.19
N PRO B 74 -0.68 -10.26 -18.23
CA PRO B 74 -1.40 -11.23 -17.35
C PRO B 74 -0.95 -11.17 -15.84
N SER B 75 0.24 -10.65 -15.61
CA SER B 75 0.85 -10.52 -14.30
C SER B 75 2.08 -9.56 -14.27
N PHE B 76 2.42 -9.20 -13.05
CA PHE B 76 3.63 -8.40 -12.83
C PHE B 76 3.96 -8.52 -11.38
N SER B 77 5.14 -8.04 -11.04
CA SER B 77 5.57 -8.03 -9.67
C SER B 77 5.40 -6.59 -9.11
N VAL B 78 5.02 -6.53 -7.83
CA VAL B 78 5.00 -5.26 -7.16
C VAL B 78 6.39 -4.68 -6.97
N LYS B 79 7.43 -5.46 -7.20
CA LYS B 79 8.80 -4.93 -7.01
C LYS B 79 9.23 -4.13 -8.19
N GLU B 80 8.47 -4.14 -9.29
CA GLU B 80 8.86 -3.52 -10.55
C GLU B 80 8.35 -2.11 -10.67
N HIS B 81 8.92 -1.19 -9.92
CA HIS B 81 8.35 0.15 -9.84
C HIS B 81 8.22 0.96 -11.14
N ARG B 82 9.29 1.04 -11.88
CA ARG B 82 9.30 1.79 -13.08
C ARG B 82 8.33 1.21 -14.12
N LYS B 83 8.24 -0.11 -14.21
CA LYS B 83 7.30 -0.76 -15.19
C LYS B 83 5.85 -0.41 -14.80
N ILE B 84 5.62 -0.42 -13.52
CA ILE B 84 4.23 -0.08 -13.00
C ILE B 84 3.93 1.34 -13.32
N TYR B 85 4.91 2.23 -13.07
CA TYR B 85 4.73 3.62 -13.47
C TYR B 85 4.46 3.72 -14.99
N THR B 86 5.23 3.08 -15.83
CA THR B 86 4.96 3.08 -17.19
C THR B 86 3.53 2.55 -17.63
N MET B 87 3.07 1.45 -17.02
CA MET B 87 1.75 0.92 -17.30
C MET B 87 0.66 1.90 -16.88
N ILE B 88 0.93 2.65 -15.82
CA ILE B 88 -0.11 3.58 -15.35
C ILE B 88 -0.09 4.88 -16.24
N TYR B 89 1.08 5.40 -16.56
CA TYR B 89 1.15 6.55 -17.43
C TYR B 89 0.32 6.49 -18.78
N ARG B 90 0.38 5.38 -19.46
CA ARG B 90 -0.52 5.09 -20.62
C ARG B 90 -2.02 5.29 -20.40
N ASN B 91 -2.45 5.26 -19.14
CA ASN B 91 -3.85 5.24 -18.79
C ASN B 91 -4.25 6.55 -18.19
N LEU B 92 -3.54 7.61 -18.57
CA LEU B 92 -3.81 8.95 -17.98
C LEU B 92 -3.25 10.08 -18.83
N VAL B 93 -3.63 11.30 -18.52
CA VAL B 93 -3.01 12.48 -19.14
C VAL B 93 -2.35 13.32 -18.02
N VAL B 94 -1.19 13.91 -18.26
CA VAL B 94 -0.57 14.76 -17.23
C VAL B 94 -1.29 16.11 -17.23
N VAL B 95 -1.54 16.65 -16.05
CA VAL B 95 -2.24 17.94 -15.97
C VAL B 95 -1.22 19.00 -16.33
N ASN B 96 -1.45 19.71 -17.44
CA ASN B 96 -0.45 20.63 -18.04
C ASN B 96 0.77 19.90 -18.60
C1 1I0 C . 7.66 -0.64 -0.36
C2 1I0 C . 7.00 0.50 -0.68
C3 1I0 C . 5.79 0.65 0.01
C5 1I0 C . 3.94 1.41 0.75
C7 1I0 C . 1.57 1.89 0.47
C8 1I0 C . 0.40 2.80 0.95
O9 1I0 C . 0.75 4.18 0.78
C11 1I0 C . 2.36 5.91 1.53
C12 1I0 C . 3.92 5.84 1.60
C16 1I0 C . 3.23 -0.40 2.36
C17 1I0 C . 3.91 -0.30 3.75
C18 1I0 C . 3.10 -1.07 4.78
C19 1I0 C . 3.76 -1.09 6.19
C21 1I0 C . 4.56 0.40 7.95
C23 1I0 C . 4.29 1.13 4.16
C24 1I0 C . 5.29 -0.33 0.83
C27 1I0 C . 5.49 -2.68 1.88
C30 1I0 C . 4.58 -4.86 3.43
C31 1I0 C . 5.81 -4.22 3.77
C33 1I0 C . 6.19 -3.10 3.04
C34 1I0 C . 8.96 -0.82 -1.00
C37 1I0 C . 10.78 -1.84 -1.39
N4 1I0 C . 4.90 1.62 -0.06
N6 1I0 C . 2.93 2.33 0.86
C10 1I0 C . 1.91 4.47 1.53
C13 1I0 C . 4.24 4.36 1.78
C14 1I0 C . 3.16 3.79 0.89
N15 1I0 C . 4.08 0.19 1.29
C20 1I0 C . 4.06 0.39 6.52
C22 1I0 C . 4.98 1.06 5.54
C25 1I0 C . 5.99 -1.53 1.04
N26 1I0 C . 7.26 -1.61 0.48
C28 1I0 C . 4.35 -3.46 1.55
N29 1I0 C . 3.91 -4.45 2.31
CL32 1I0 C . 6.67 -4.67 5.24
N35 1I0 C . 9.59 -0.16 -1.86
O36 1I0 C . 10.78 -0.70 -2.12
O38 1I0 C . 11.57 -2.70 -1.24
N39 1I0 C . 9.66 -1.98 -0.68
C1 1I0 D . 6.42 -3.24 -2.76
C2 1I0 D . 5.42 -3.93 -2.16
C3 1I0 D . 4.15 -3.37 -2.25
C5 1I0 D . 2.06 -3.00 -2.06
C7 1I0 D . 0.05 -2.26 -0.69
C8 1I0 D . -1.47 -2.46 -0.70
O9 1I0 D . -1.74 -3.86 -0.35
C11 1I0 D . -1.66 -6.07 -1.42
C12 1I0 D . -0.65 -6.68 -2.43
C16 1I0 D . 1.69 -0.93 -3.41
C17 1I0 D . 1.75 -1.23 -4.95
C18 1I0 D . 1.05 -0.06 -5.60
C19 1I0 D . 0.88 -0.26 -7.12
C21 1I0 D . 0.14 -1.84 -9.01
C23 1I0 D . 1.10 -2.54 -5.32
C24 1I0 D . 3.96 -2.18 -2.93
C27 1I0 D . 4.95 -0.20 -4.24
C30 1I0 D . 4.60 2.20 -5.49
C31 1I0 D . 4.98 1.13 -6.26
C33 1I0 D . 5.14 -0.07 -5.61
C34 1I0 D . 7.74 -3.89 -2.69
C37 1I0 D . 9.74 -4.06 -3.33
N4 1I0 D . 3.00 -3.77 -1.73
N6 1I0 D . 0.77 -3.26 -1.60
C10 1I0 D . -1.38 -4.61 -1.44
C13 1I0 D . 0.30 -5.51 -2.88
C14 1I0 D . 0.19 -4.63 -1.58
N15 1I0 D . 2.56 -1.96 -2.79
C20 1I0 D . 0.21 -1.62 -7.43
C22 1I0 D . 1.09 -2.66 -6.82
C25 1I0 D . 5.09 -1.53 -3.55
N26 1I0 D . 6.28 -2.13 -3.50
C28 1I0 D . 4.56 0.96 -3.52
N29 1I0 D . 4.40 2.14 -4.16
CL32 1I0 D . 5.23 1.26 -8.00
N35 1I0 D . 8.25 -4.92 -2.08
O36 1I0 D . 9.53 -5.12 -2.45
O38 1I0 D . 10.66 -3.58 -3.87
N39 1I0 D . 8.63 -3.28 -3.44
#